data_8BPM
#
_entry.id   8BPM
#
_cell.length_a   32.375
_cell.length_b   35.434
_cell.length_c   72.990
_cell.angle_alpha   90.000
_cell.angle_beta   90.000
_cell.angle_gamma   90.000
#
_symmetry.space_group_name_H-M   'P 1'
#
_entity_poly.entity_id   1
_entity_poly.type   'polypeptide(L)'
_entity_poly.pdbx_seq_one_letter_code
;SRRITLNRRPSGLGFNIVGGDNAQGIYVSFISYGGPAEEDGRLQPGDKILQVNSADLSEASHDEAVEIIKKAKSPVNLAV
VHDPEGFGRLKSN
;
_entity_poly.pdbx_strand_id   A,B,C,D
#
# COMPACT_ATOMS: atom_id res chain seq x y z
N SER A 1 -0.13 -26.54 -27.23
CA SER A 1 -0.59 -26.97 -25.91
C SER A 1 0.02 -28.30 -25.47
N ARG A 2 0.47 -28.38 -24.20
CA ARG A 2 1.16 -29.55 -23.68
C ARG A 2 0.56 -30.00 -22.37
N ARG A 3 0.58 -31.32 -22.14
CA ARG A 3 0.05 -31.91 -20.91
C ARG A 3 1.19 -32.38 -20.03
N ILE A 4 1.12 -32.01 -18.75
CA ILE A 4 2.17 -32.31 -17.78
C ILE A 4 1.47 -32.77 -16.51
N THR A 5 1.78 -33.98 -16.07
CA THR A 5 1.20 -34.55 -14.86
C THR A 5 2.23 -34.53 -13.76
N LEU A 6 1.92 -33.85 -12.66
CA LEU A 6 2.78 -33.77 -11.49
C LEU A 6 2.03 -34.31 -10.28
N ASN A 7 2.74 -34.99 -9.40
CA ASN A 7 2.19 -35.52 -8.17
C ASN A 7 2.63 -34.62 -7.03
N ARG A 8 1.67 -34.17 -6.23
CA ARG A 8 2.00 -33.28 -5.13
C ARG A 8 2.80 -34.04 -4.08
N ARG A 9 3.86 -33.40 -3.59
CA ARG A 9 4.60 -33.84 -2.42
C ARG A 9 4.33 -32.91 -1.26
N PRO A 10 4.69 -33.29 -0.04
CA PRO A 10 4.48 -32.37 1.09
C PRO A 10 5.10 -31.01 0.87
N SER A 11 6.17 -30.92 0.08
CA SER A 11 6.77 -29.64 -0.27
C SER A 11 6.06 -28.93 -1.42
N GLY A 12 4.87 -29.39 -1.79
CA GLY A 12 4.11 -28.78 -2.87
C GLY A 12 4.33 -29.47 -4.21
N LEU A 13 4.08 -28.72 -5.27
CA LEU A 13 4.28 -29.19 -6.64
C LEU A 13 5.65 -28.82 -7.21
N GLY A 14 6.39 -27.94 -6.53
CA GLY A 14 7.72 -27.58 -6.97
C GLY A 14 7.79 -26.40 -7.91
N PHE A 15 6.83 -25.49 -7.85
CA PHE A 15 6.89 -24.30 -8.68
C PHE A 15 6.00 -23.23 -8.10
N ASN A 16 6.34 -21.97 -8.42
CA ASN A 16 5.56 -20.79 -8.07
C ASN A 16 5.00 -20.19 -9.35
N ILE A 17 3.85 -19.51 -9.22
CA ILE A 17 3.19 -18.88 -10.35
C ILE A 17 3.08 -17.38 -10.10
N VAL A 18 2.78 -16.66 -11.17
CA VAL A 18 2.42 -15.25 -11.12
C VAL A 18 1.34 -14.99 -12.16
N GLY A 19 0.39 -14.13 -11.80
CA GLY A 19 -0.68 -13.76 -12.70
C GLY A 19 -1.03 -12.30 -12.48
N GLY A 20 -2.05 -11.85 -13.21
CA GLY A 20 -2.50 -10.48 -13.07
C GLY A 20 -3.95 -10.39 -12.63
N ASP A 21 -4.70 -9.53 -13.31
CA ASP A 21 -6.14 -9.49 -13.14
C ASP A 21 -6.76 -10.62 -13.96
N ASN A 22 -8.08 -10.68 -13.99
CA ASN A 22 -8.74 -11.76 -14.72
C ASN A 22 -8.41 -11.65 -16.21
N ALA A 23 -8.11 -12.80 -16.82
CA ALA A 23 -7.81 -12.98 -18.23
C ALA A 23 -6.40 -12.54 -18.59
N GLN A 24 -5.57 -12.13 -17.63
CA GLN A 24 -4.21 -11.73 -17.95
C GLN A 24 -3.29 -12.91 -18.15
N GLY A 25 -3.64 -14.08 -17.64
CA GLY A 25 -2.83 -15.26 -17.82
C GLY A 25 -2.14 -15.66 -16.53
N ILE A 26 -1.97 -16.96 -16.34
CA ILE A 26 -1.28 -17.54 -15.19
C ILE A 26 -0.01 -18.19 -15.71
N TYR A 27 1.14 -17.74 -15.22
CA TYR A 27 2.43 -18.19 -15.70
C TYR A 27 3.25 -18.81 -14.57
N VAL A 28 3.95 -19.90 -14.89
CA VAL A 28 4.92 -20.48 -13.97
C VAL A 28 6.06 -19.48 -13.83
N SER A 29 6.30 -19.00 -12.61
CA SER A 29 7.33 -17.99 -12.38
C SER A 29 8.66 -18.55 -11.87
N PHE A 30 8.68 -19.78 -11.35
CA PHE A 30 9.85 -20.33 -10.70
C PHE A 30 9.66 -21.83 -10.51
N ILE A 31 10.75 -22.58 -10.62
CA ILE A 31 10.71 -24.03 -10.48
C ILE A 31 11.79 -24.44 -9.50
N SER A 32 11.39 -24.83 -8.30
CA SER A 32 12.34 -25.25 -7.29
C SER A 32 13.14 -26.44 -7.75
N TYR A 33 14.45 -26.38 -7.57
CA TYR A 33 15.28 -27.56 -7.80
C TYR A 33 14.85 -28.66 -6.85
N GLY A 34 14.85 -29.89 -7.34
CA GLY A 34 14.53 -31.03 -6.52
C GLY A 34 13.06 -31.24 -6.24
N GLY A 35 12.18 -30.40 -6.77
CA GLY A 35 10.75 -30.56 -6.60
C GLY A 35 10.12 -31.37 -7.71
N PRO A 36 8.82 -31.66 -7.58
CA PRO A 36 8.15 -32.45 -8.62
C PRO A 36 8.21 -31.83 -10.02
N ALA A 37 8.04 -30.53 -10.13
CA ALA A 37 8.06 -29.90 -11.45
C ALA A 37 9.43 -30.02 -12.11
N GLU A 38 10.50 -29.82 -11.33
CA GLU A 38 11.85 -29.91 -11.87
C GLU A 38 12.23 -31.35 -12.20
N GLU A 39 11.97 -32.28 -11.27
CA GLU A 39 12.27 -33.68 -11.51
C GLU A 39 11.45 -34.25 -12.65
N ASP A 40 10.29 -33.66 -12.96
CA ASP A 40 9.52 -34.10 -14.11
C ASP A 40 10.12 -33.62 -15.42
N GLY A 41 10.73 -32.42 -15.41
CA GLY A 41 11.49 -31.94 -16.54
C GLY A 41 10.74 -31.14 -17.59
N ARG A 42 9.41 -31.10 -17.53
CA ARG A 42 8.63 -30.50 -18.61
C ARG A 42 8.20 -29.06 -18.34
N LEU A 43 7.84 -28.73 -17.11
CA LEU A 43 7.36 -27.37 -16.81
C LEU A 43 8.49 -26.37 -16.97
N GLN A 44 8.15 -25.19 -17.48
CA GLN A 44 9.11 -24.13 -17.74
C GLN A 44 8.54 -22.80 -17.28
N PRO A 45 9.37 -21.79 -17.09
CA PRO A 45 8.87 -20.51 -16.54
C PRO A 45 8.04 -19.70 -17.51
N GLY A 46 8.14 -19.93 -18.81
CA GLY A 46 7.26 -19.19 -19.71
C GLY A 46 5.87 -19.77 -19.86
N ASP A 47 5.63 -20.93 -19.27
CA ASP A 47 4.42 -21.70 -19.55
C ASP A 47 3.21 -21.01 -18.95
N LYS A 48 2.23 -20.70 -19.79
CA LYS A 48 0.94 -20.22 -19.34
C LYS A 48 0.06 -21.42 -19.03
N ILE A 49 -0.47 -21.48 -17.81
CA ILE A 49 -1.32 -22.59 -17.41
C ILE A 49 -2.73 -22.34 -17.94
N LEU A 50 -3.18 -23.20 -18.84
CA LEU A 50 -4.54 -23.12 -19.35
C LEU A 50 -5.53 -23.87 -18.48
N GLN A 51 -5.15 -25.02 -17.95
CA GLN A 51 -6.03 -25.82 -17.11
C GLN A 51 -5.25 -26.48 -16.00
N VAL A 52 -5.93 -26.65 -14.87
CA VAL A 52 -5.42 -27.37 -13.71
C VAL A 52 -6.50 -28.39 -13.36
N ASN A 53 -6.26 -29.65 -13.69
CA ASN A 53 -7.26 -30.69 -13.51
C ASN A 53 -8.58 -30.27 -14.16
N SER A 54 -8.47 -29.76 -15.39
CA SER A 54 -9.61 -29.34 -16.22
C SER A 54 -10.10 -27.95 -15.82
N ALA A 55 -9.94 -27.59 -14.55
CA ALA A 55 -10.29 -26.25 -14.10
C ALA A 55 -9.58 -25.23 -14.96
N ASP A 56 -10.36 -24.37 -15.62
CA ASP A 56 -9.81 -23.41 -16.56
C ASP A 56 -9.30 -22.17 -15.82
N LEU A 57 -8.04 -21.81 -16.09
CA LEU A 57 -7.41 -20.63 -15.51
C LEU A 57 -7.26 -19.49 -16.51
N SER A 58 -7.88 -19.58 -17.67
CA SER A 58 -7.79 -18.48 -18.64
C SER A 58 -8.30 -17.18 -18.03
N GLU A 59 -9.53 -17.20 -17.51
CA GLU A 59 -10.17 -16.02 -16.97
C GLU A 59 -9.81 -15.77 -15.49
N ALA A 60 -8.81 -16.45 -14.96
CA ALA A 60 -8.54 -16.40 -13.53
C ALA A 60 -7.61 -15.25 -13.17
N SER A 61 -7.83 -14.69 -11.98
CA SER A 61 -6.90 -13.74 -11.37
C SER A 61 -5.75 -14.49 -10.71
N HIS A 62 -4.71 -13.76 -10.34
CA HIS A 62 -3.57 -14.39 -9.69
C HIS A 62 -4.00 -15.17 -8.46
N ASP A 63 -4.72 -14.50 -7.55
CA ASP A 63 -5.04 -15.14 -6.28
C ASP A 63 -5.97 -16.33 -6.48
N GLU A 64 -6.91 -16.22 -7.41
CA GLU A 64 -7.78 -17.34 -7.73
C GLU A 64 -6.96 -18.55 -8.19
N ALA A 65 -6.02 -18.33 -9.10
CA ALA A 65 -5.24 -19.45 -9.62
C ALA A 65 -4.38 -20.07 -8.51
N VAL A 66 -3.80 -19.24 -7.65
CA VAL A 66 -3.00 -19.77 -6.55
C VAL A 66 -3.84 -20.70 -5.67
N GLU A 67 -5.05 -20.28 -5.33
CA GLU A 67 -5.90 -21.12 -4.50
C GLU A 67 -6.29 -22.40 -5.21
N ILE A 68 -6.57 -22.32 -6.50
CA ILE A 68 -6.95 -23.52 -7.25
C ILE A 68 -5.77 -24.49 -7.27
N ILE A 69 -4.59 -24.02 -7.66
CA ILE A 69 -3.44 -24.90 -7.76
C ILE A 69 -3.12 -25.52 -6.41
N LYS A 70 -3.27 -24.73 -5.32
CA LYS A 70 -2.93 -25.23 -3.99
C LYS A 70 -3.87 -26.33 -3.52
N LYS A 71 -5.14 -26.30 -3.95
CA LYS A 71 -6.12 -27.31 -3.55
C LYS A 71 -6.25 -28.45 -4.56
N ALA A 72 -5.61 -28.35 -5.74
CA ALA A 72 -5.70 -29.38 -6.76
C ALA A 72 -5.36 -30.75 -6.20
N LYS A 73 -5.79 -31.83 -6.87
CA LYS A 73 -5.77 -33.16 -6.29
C LYS A 73 -4.49 -33.88 -6.68
N SER A 74 -3.84 -34.50 -5.69
CA SER A 74 -2.60 -35.27 -5.76
C SER A 74 -2.06 -35.47 -7.19
N PRO A 75 -2.70 -36.28 -8.05
CA PRO A 75 -2.20 -36.34 -9.46
C PRO A 75 -2.71 -35.14 -10.24
N VAL A 76 -1.97 -34.03 -10.14
CA VAL A 76 -2.36 -32.77 -10.76
C VAL A 76 -2.04 -32.81 -12.25
N ASN A 77 -3.08 -32.70 -13.09
CA ASN A 77 -2.92 -32.63 -14.54
C ASN A 77 -2.92 -31.18 -14.98
N LEU A 78 -1.84 -30.75 -15.63
CA LEU A 78 -1.70 -29.38 -16.09
C LEU A 78 -1.77 -29.36 -17.61
N ALA A 79 -2.62 -28.51 -18.16
CA ALA A 79 -2.58 -28.14 -19.56
C ALA A 79 -1.88 -26.79 -19.63
N VAL A 80 -0.71 -26.75 -20.25
CA VAL A 80 0.07 -25.52 -20.32
C VAL A 80 0.41 -25.24 -21.78
N VAL A 81 0.84 -24.01 -22.03
CA VAL A 81 1.30 -23.60 -23.35
C VAL A 81 2.36 -22.53 -23.15
N HIS A 82 3.55 -22.74 -23.70
CA HIS A 82 4.65 -21.82 -23.48
C HIS A 82 4.32 -20.48 -24.14
N ASP A 83 4.29 -19.42 -23.33
CA ASP A 83 4.03 -18.08 -23.82
C ASP A 83 5.02 -17.11 -23.20
N PRO A 84 6.19 -16.95 -23.82
CA PRO A 84 7.19 -16.01 -23.25
C PRO A 84 6.80 -14.55 -23.39
N GLU A 85 6.22 -14.14 -24.52
CA GLU A 85 5.85 -12.72 -24.68
C GLU A 85 4.83 -12.31 -23.63
N GLY A 86 3.78 -13.12 -23.44
CA GLY A 86 2.80 -12.79 -22.43
C GLY A 86 3.40 -12.81 -21.03
N PHE A 87 4.30 -13.76 -20.79
CA PHE A 87 5.02 -13.80 -19.51
C PHE A 87 5.86 -12.54 -19.33
N GLY A 88 6.54 -12.11 -20.38
CA GLY A 88 7.40 -10.93 -20.28
C GLY A 88 6.62 -9.64 -20.12
N ARG A 89 5.38 -9.60 -20.62
CA ARG A 89 4.53 -8.43 -20.39
C ARG A 89 4.00 -8.41 -18.95
N LEU A 90 3.54 -9.56 -18.45
CA LEU A 90 3.05 -9.62 -17.07
C LEU A 90 4.13 -9.23 -16.07
N LYS A 91 5.40 -9.39 -16.43
CA LYS A 91 6.48 -8.91 -15.58
C LYS A 91 6.59 -7.39 -15.63
N SER A 92 6.55 -6.83 -16.85
CA SER A 92 6.71 -5.40 -17.04
C SER A 92 5.64 -4.58 -16.34
N ASN A 93 4.64 -5.22 -15.77
CA ASN A 93 3.60 -4.51 -15.02
C ASN A 93 3.57 -4.96 -13.55
N SER B 1 6.70 -5.14 20.30
CA SER B 1 7.15 -4.91 18.93
C SER B 1 6.02 -5.18 17.94
N ARG B 2 5.87 -4.31 16.94
CA ARG B 2 4.78 -4.41 15.97
C ARG B 2 5.33 -4.28 14.56
N ARG B 3 4.66 -4.95 13.62
CA ARG B 3 5.03 -4.91 12.21
C ARG B 3 4.01 -4.09 11.45
N ILE B 4 4.48 -3.15 10.64
CA ILE B 4 3.63 -2.24 9.88
C ILE B 4 4.20 -2.13 8.47
N THR B 5 3.39 -2.51 7.47
CA THR B 5 3.82 -2.46 6.08
C THR B 5 3.12 -1.30 5.40
N LEU B 6 3.92 -0.36 4.88
CA LEU B 6 3.43 0.81 4.17
C LEU B 6 4.02 0.83 2.76
N ASN B 7 3.23 1.27 1.81
CA ASN B 7 3.67 1.39 0.42
C ASN B 7 3.94 2.85 0.13
N ARG B 8 5.12 3.13 -0.42
CA ARG B 8 5.50 4.49 -0.70
C ARG B 8 4.63 5.08 -1.82
N ARG B 9 4.21 6.32 -1.64
CA ARG B 9 3.59 7.10 -2.69
C ARG B 9 4.55 8.19 -3.15
N PRO B 10 4.26 8.84 -4.28
CA PRO B 10 5.13 9.96 -4.69
C PRO B 10 5.28 11.01 -3.60
N SER B 11 4.28 11.16 -2.73
CA SER B 11 4.35 12.06 -1.59
C SER B 11 5.07 11.47 -0.39
N GLY B 12 5.76 10.34 -0.57
CA GLY B 12 6.48 9.70 0.53
C GLY B 12 5.67 8.64 1.24
N LEU B 13 6.08 8.34 2.48
CA LEU B 13 5.40 7.35 3.31
C LEU B 13 4.35 7.97 4.23
N GLY B 14 4.31 9.29 4.35
CA GLY B 14 3.31 9.94 5.16
C GLY B 14 3.71 10.15 6.60
N PHE B 15 4.99 10.26 6.90
CA PHE B 15 5.41 10.54 8.27
C PHE B 15 6.81 11.10 8.26
N ASN B 16 7.12 11.86 9.32
CA ASN B 16 8.44 12.40 9.59
C ASN B 16 9.00 11.73 10.84
N ILE B 17 10.33 11.63 10.91
CA ILE B 17 10.99 11.03 12.05
C ILE B 17 11.90 12.07 12.70
N VAL B 18 12.32 11.76 13.93
CA VAL B 18 13.36 12.52 14.61
C VAL B 18 14.21 11.54 15.40
N GLY B 19 15.51 11.79 15.43
CA GLY B 19 16.44 10.98 16.17
C GLY B 19 17.53 11.85 16.75
N GLY B 20 18.48 11.21 17.43
CA GLY B 20 19.59 11.92 18.00
C GLY B 20 20.91 11.44 17.45
N ASP B 21 21.87 11.20 18.33
CA ASP B 21 23.11 10.56 17.95
C ASP B 21 22.88 9.05 17.84
N ASN B 22 23.96 8.31 17.59
CA ASN B 22 23.82 6.87 17.44
C ASN B 22 23.32 6.25 18.75
N ALA B 23 22.39 5.31 18.63
CA ALA B 23 21.81 4.51 19.70
C ALA B 23 20.77 5.28 20.52
N GLN B 24 20.44 6.51 20.17
CA GLN B 24 19.44 7.25 20.92
C GLN B 24 18.03 6.86 20.54
N GLY B 25 17.84 6.26 19.37
CA GLY B 25 16.51 5.85 18.97
C GLY B 25 15.99 6.74 17.85
N ILE B 26 15.21 6.13 16.96
CA ILE B 26 14.55 6.81 15.86
C ILE B 26 13.06 6.74 16.11
N TYR B 27 12.42 7.90 16.20
CA TYR B 27 11.01 8.00 16.56
C TYR B 27 10.23 8.67 15.44
N VAL B 28 9.03 8.18 15.19
CA VAL B 28 8.11 8.86 14.29
C VAL B 28 7.68 10.16 14.95
N SER B 29 7.96 11.29 14.30
CA SER B 29 7.69 12.60 14.90
C SER B 29 6.38 13.23 14.42
N PHE B 30 5.82 12.79 13.30
CA PHE B 30 4.68 13.44 12.68
C PHE B 30 4.10 12.53 11.62
N ILE B 31 2.78 12.56 11.47
CA ILE B 31 2.08 11.70 10.52
C ILE B 31 1.15 12.58 9.69
N SER B 32 1.52 12.80 8.44
CA SER B 32 0.71 13.62 7.55
C SER B 32 -0.67 13.02 7.39
N TYR B 33 -1.70 13.86 7.50
CA TYR B 33 -3.05 13.40 7.18
C TYR B 33 -3.11 13.02 5.72
N GLY B 34 -3.83 11.94 5.43
CA GLY B 34 -4.02 11.51 4.06
C GLY B 34 -2.85 10.77 3.44
N GLY B 35 -1.78 10.54 4.20
CA GLY B 35 -0.64 9.80 3.70
C GLY B 35 -0.74 8.32 3.97
N PRO B 36 0.21 7.54 3.44
CA PRO B 36 0.19 6.08 3.68
C PRO B 36 0.21 5.71 5.15
N ALA B 37 1.00 6.40 5.97
CA ALA B 37 1.06 6.07 7.39
C ALA B 37 -0.29 6.31 8.05
N GLU B 38 -0.94 7.45 7.75
CA GLU B 38 -2.23 7.77 8.35
C GLU B 38 -3.33 6.87 7.83
N GLU B 39 -3.41 6.68 6.50
CA GLU B 39 -4.43 5.80 5.96
C GLU B 39 -4.25 4.36 6.41
N ASP B 40 -3.04 3.98 6.79
CA ASP B 40 -2.82 2.63 7.32
C ASP B 40 -3.35 2.52 8.75
N GLY B 41 -3.21 3.58 9.53
CA GLY B 41 -3.81 3.66 10.84
C GLY B 41 -2.98 3.13 12.00
N ARG B 42 -1.86 2.47 11.74
CA ARG B 42 -1.11 1.81 12.81
C ARG B 42 0.03 2.66 13.37
N LEU B 43 0.78 3.37 12.52
CA LEU B 43 1.92 4.12 13.00
C LEU B 43 1.47 5.26 13.89
N GLN B 44 2.23 5.52 14.95
CA GLN B 44 1.93 6.51 15.96
C GLN B 44 3.16 7.34 16.24
N PRO B 45 3.01 8.52 16.81
CA PRO B 45 4.18 9.38 17.03
C PRO B 45 5.12 8.90 18.12
N GLY B 46 4.69 8.05 19.04
CA GLY B 46 5.65 7.55 20.02
C GLY B 46 6.50 6.39 19.54
N ASP B 47 6.21 5.86 18.35
CA ASP B 47 6.79 4.60 17.92
C ASP B 47 8.27 4.76 17.60
N LYS B 48 9.10 3.95 18.26
CA LYS B 48 10.51 3.85 17.93
C LYS B 48 10.66 2.82 16.81
N ILE B 49 11.31 3.24 15.72
CA ILE B 49 11.55 2.35 14.59
C ILE B 49 12.79 1.51 14.91
N LEU B 50 12.57 0.20 15.03
CA LEU B 50 13.65 -0.76 15.25
C LEU B 50 14.26 -1.25 13.95
N GLN B 51 13.45 -1.47 12.93
CA GLN B 51 13.95 -1.96 11.65
C GLN B 51 13.17 -1.34 10.51
N VAL B 52 13.86 -1.19 9.38
CA VAL B 52 13.27 -0.72 8.13
C VAL B 52 13.72 -1.71 7.06
N ASN B 53 12.81 -2.59 6.64
CA ASN B 53 13.15 -3.66 5.70
C ASN B 53 14.36 -4.46 6.21
N SER B 54 14.31 -4.80 7.50
CA SER B 54 15.34 -5.58 8.18
C SER B 54 16.52 -4.71 8.60
N ALA B 55 16.79 -3.63 7.86
CA ALA B 55 17.84 -2.71 8.24
C ALA B 55 17.61 -2.22 9.66
N ASP B 56 18.57 -2.49 10.54
CA ASP B 56 18.42 -2.18 11.95
C ASP B 56 18.74 -0.71 12.20
N LEU B 57 17.81 -0.01 12.86
CA LEU B 57 17.97 1.40 13.18
C LEU B 57 18.27 1.62 14.65
N SER B 58 18.54 0.56 15.40
CA SER B 58 18.87 0.72 16.82
C SER B 58 20.06 1.63 17.01
N GLU B 59 21.17 1.33 16.36
CA GLU B 59 22.41 2.07 16.52
C GLU B 59 22.52 3.27 15.58
N ALA B 60 21.43 3.66 14.92
CA ALA B 60 21.47 4.67 13.86
C ALA B 60 21.32 6.09 14.39
N SER B 61 22.00 7.03 13.73
CA SER B 61 21.81 8.46 13.96
C SER B 61 20.60 8.95 13.18
N HIS B 62 20.16 10.17 13.50
CA HIS B 62 19.00 10.72 12.80
C HIS B 62 19.24 10.75 11.30
N ASP B 63 20.34 11.36 10.87
CA ASP B 63 20.56 11.53 9.44
C ASP B 63 20.70 10.19 8.73
N GLU B 64 21.38 9.23 9.37
CA GLU B 64 21.47 7.89 8.79
C GLU B 64 20.07 7.31 8.58
N ALA B 65 19.22 7.38 9.61
CA ALA B 65 17.88 6.81 9.51
C ALA B 65 17.06 7.53 8.44
N VAL B 66 17.19 8.84 8.36
CA VAL B 66 16.46 9.58 7.33
C VAL B 66 16.82 9.07 5.95
N GLU B 67 18.11 8.87 5.69
CA GLU B 67 18.55 8.37 4.39
C GLU B 67 18.06 6.95 4.15
N ILE B 68 18.11 6.11 5.17
CA ILE B 68 17.63 4.74 5.00
C ILE B 68 16.14 4.74 4.68
N ILE B 69 15.34 5.43 5.50
CA ILE B 69 13.91 5.41 5.29
C ILE B 69 13.56 6.00 3.92
N LYS B 70 14.28 7.02 3.49
CA LYS B 70 14.00 7.67 2.21
C LYS B 70 14.31 6.75 1.03
N LYS B 71 15.31 5.87 1.18
CA LYS B 71 15.76 4.99 0.11
C LYS B 71 15.07 3.62 0.14
N ALA B 72 14.30 3.31 1.19
CA ALA B 72 13.62 2.04 1.33
C ALA B 72 12.74 1.69 0.13
N LYS B 73 12.44 0.41 -0.05
CA LYS B 73 11.86 -0.08 -1.28
C LYS B 73 10.34 -0.16 -1.14
N SER B 74 9.65 0.33 -2.18
CA SER B 74 8.20 0.36 -2.37
C SER B 74 7.42 -0.25 -1.21
N PRO B 75 7.33 -1.58 -1.06
CA PRO B 75 6.65 -2.14 0.13
C PRO B 75 7.54 -2.09 1.36
N VAL B 76 7.52 -0.98 2.07
CA VAL B 76 8.39 -0.77 3.22
C VAL B 76 7.83 -1.50 4.44
N ASN B 77 8.61 -2.43 4.99
CA ASN B 77 8.25 -3.14 6.21
C ASN B 77 8.93 -2.46 7.40
N LEU B 78 8.13 -1.98 8.34
CA LEU B 78 8.64 -1.32 9.54
C LEU B 78 8.38 -2.22 10.74
N ALA B 79 9.42 -2.45 11.53
CA ALA B 79 9.28 -3.03 12.87
C ALA B 79 9.41 -1.86 13.83
N VAL B 80 8.34 -1.56 14.56
CA VAL B 80 8.34 -0.43 15.49
C VAL B 80 7.92 -0.92 16.87
N VAL B 81 8.15 -0.07 17.86
CA VAL B 81 7.75 -0.33 19.24
C VAL B 81 7.44 0.99 19.91
N HIS B 82 6.26 1.11 20.47
CA HIS B 82 5.84 2.38 21.05
C HIS B 82 6.72 2.67 22.27
N ASP B 83 7.41 3.80 22.24
CA ASP B 83 8.26 4.24 23.35
C ASP B 83 8.01 5.72 23.59
N PRO B 84 7.00 6.05 24.39
CA PRO B 84 6.73 7.48 24.66
C PRO B 84 7.78 8.16 25.52
N GLU B 85 8.28 7.47 26.56
CA GLU B 85 9.30 8.10 27.40
C GLU B 85 10.55 8.42 26.61
N GLY B 86 11.00 7.49 25.76
CA GLY B 86 12.17 7.74 24.96
C GLY B 86 11.94 8.84 23.95
N PHE B 87 10.73 8.89 23.38
CA PHE B 87 10.38 9.99 22.49
C PHE B 87 10.40 11.33 23.22
N GLY B 88 9.85 11.36 24.44
CA GLY B 88 9.80 12.61 25.19
C GLY B 88 11.16 13.07 25.70
N ARG B 89 12.08 12.13 25.96
CA ARG B 89 13.42 12.52 26.38
C ARG B 89 14.21 13.09 25.21
N LEU B 90 14.14 12.44 24.05
CA LEU B 90 14.88 12.90 22.88
C LEU B 90 14.50 14.32 22.49
N LYS B 91 13.34 14.79 22.88
CA LYS B 91 12.96 16.18 22.64
C LYS B 91 13.89 17.10 23.42
N SER B 92 14.64 17.93 22.70
CA SER B 92 15.62 18.84 23.28
C SER B 92 16.60 18.08 24.18
N SER C 1 8.91 36.11 -7.70
CA SER C 1 8.67 35.75 -6.30
C SER C 1 7.76 36.76 -5.59
N ARG C 2 6.80 36.27 -4.80
CA ARG C 2 5.81 37.12 -4.16
C ARG C 2 5.72 36.83 -2.67
N ARG C 3 5.42 37.86 -1.89
CA ARG C 3 5.28 37.74 -0.44
C ARG C 3 3.82 37.85 -0.06
N ILE C 4 3.36 36.91 0.76
CA ILE C 4 1.97 36.83 1.18
C ILE C 4 1.95 36.53 2.67
N THR C 5 1.32 37.40 3.45
CA THR C 5 1.24 37.22 4.89
C THR C 5 -0.18 36.81 5.25
N LEU C 6 -0.32 35.65 5.88
CA LEU C 6 -1.61 35.14 6.32
C LEU C 6 -1.56 34.89 7.83
N ASN C 7 -2.66 35.15 8.52
CA ASN C 7 -2.76 34.92 9.95
C ASN C 7 -3.57 33.66 10.17
N ARG C 8 -3.02 32.74 10.96
CA ARG C 8 -3.70 31.48 11.20
C ARG C 8 -4.97 31.74 12.01
N ARG C 9 -6.05 31.08 11.61
CA ARG C 9 -7.28 31.01 12.38
C ARG C 9 -7.45 29.60 12.92
N PRO C 10 -8.38 29.41 13.85
CA PRO C 10 -8.62 28.04 14.36
C PRO C 10 -8.91 27.04 13.26
N SER C 11 -9.50 27.47 12.14
CA SER C 11 -9.74 26.60 10.99
C SER C 11 -8.52 26.45 10.09
N GLY C 12 -7.34 26.86 10.57
CA GLY C 12 -6.11 26.76 9.79
C GLY C 12 -5.79 28.03 9.03
N LEU C 13 -4.98 27.88 7.99
CA LEU C 13 -4.59 28.98 7.11
C LEU C 13 -5.47 29.11 5.87
N GLY C 14 -6.31 28.12 5.59
CA GLY C 14 -7.20 28.20 4.45
C GLY C 14 -6.64 27.65 3.15
N PHE C 15 -5.71 26.70 3.22
CA PHE C 15 -5.24 26.08 1.99
C PHE C 15 -4.58 24.74 2.32
N ASN C 16 -4.61 23.85 1.33
CA ASN C 16 -3.92 22.57 1.37
C ASN C 16 -2.80 22.56 0.34
N ILE C 17 -1.76 21.76 0.61
CA ILE C 17 -0.61 21.68 -0.27
C ILE C 17 -0.45 20.25 -0.77
N VAL C 18 0.39 20.11 -1.80
CA VAL C 18 0.85 18.83 -2.29
C VAL C 18 2.31 18.97 -2.69
N GLY C 19 3.09 17.94 -2.39
CA GLY C 19 4.49 17.90 -2.74
C GLY C 19 4.86 16.48 -3.11
N GLY C 20 6.14 16.30 -3.41
CA GLY C 20 6.64 14.98 -3.74
C GLY C 20 7.75 14.55 -2.82
N ASP C 21 8.82 14.04 -3.41
CA ASP C 21 10.04 13.77 -2.67
C ASP C 21 10.81 15.07 -2.50
N ASN C 22 11.99 14.97 -1.91
CA ASN C 22 12.77 16.19 -1.66
C ASN C 22 13.17 16.85 -2.97
N ALA C 23 13.03 18.18 -3.00
CA ALA C 23 13.39 19.05 -4.11
C ALA C 23 12.34 18.99 -5.21
N GLN C 24 11.24 18.27 -5.04
CA GLN C 24 10.21 18.25 -6.08
C GLN C 24 9.33 19.47 -6.06
N GLY C 25 9.28 20.18 -4.95
CA GLY C 25 8.49 21.39 -4.88
C GLY C 25 7.26 21.19 -4.00
N ILE C 26 6.88 22.26 -3.30
CA ILE C 26 5.69 22.28 -2.46
C ILE C 26 4.72 23.27 -3.09
N TYR C 27 3.55 22.79 -3.45
CA TYR C 27 2.56 23.60 -4.17
C TYR C 27 1.27 23.70 -3.38
N VAL C 28 0.68 24.88 -3.38
CA VAL C 28 -0.67 25.07 -2.83
C VAL C 28 -1.64 24.32 -3.74
N SER C 29 -2.35 23.34 -3.17
CA SER C 29 -3.22 22.49 -3.98
C SER C 29 -4.69 22.90 -3.95
N PHE C 30 -5.11 23.70 -2.99
CA PHE C 30 -6.52 24.00 -2.77
C PHE C 30 -6.64 25.18 -1.83
N ILE C 31 -7.65 26.02 -2.06
CA ILE C 31 -7.87 27.20 -1.24
C ILE C 31 -9.33 27.20 -0.80
N SER C 32 -9.56 26.90 0.46
CA SER C 32 -10.90 26.87 1.01
C SER C 32 -11.57 28.23 0.93
N TYR C 33 -12.82 28.24 0.46
CA TYR C 33 -13.59 29.48 0.51
C TYR C 33 -13.77 29.91 1.96
N GLY C 34 -13.65 31.21 2.20
CA GLY C 34 -13.84 31.78 3.51
C GLY C 34 -12.69 31.64 4.48
N GLY C 35 -11.58 31.05 4.07
CA GLY C 35 -10.41 30.93 4.92
C GLY C 35 -9.47 32.11 4.74
N PRO C 36 -8.41 32.15 5.55
CA PRO C 36 -7.45 33.25 5.44
C PRO C 36 -6.79 33.37 4.07
N ALA C 37 -6.44 32.25 3.45
CA ALA C 37 -5.79 32.32 2.14
C ALA C 37 -6.73 32.90 1.09
N GLU C 38 -8.00 32.50 1.12
CA GLU C 38 -8.97 33.00 0.14
C GLU C 38 -9.34 34.45 0.43
N GLU C 39 -9.62 34.78 1.70
CA GLU C 39 -9.95 36.16 2.07
C GLU C 39 -8.78 37.10 1.83
N ASP C 40 -7.54 36.58 1.81
CA ASP C 40 -6.40 37.43 1.52
C ASP C 40 -6.35 37.76 0.03
N GLY C 41 -6.73 36.80 -0.81
CA GLY C 41 -6.88 37.03 -2.23
C GLY C 41 -5.64 36.79 -3.07
N ARG C 42 -4.47 36.58 -2.45
CA ARG C 42 -3.23 36.49 -3.21
C ARG C 42 -2.80 35.06 -3.52
N LEU C 43 -2.94 34.14 -2.56
CA LEU C 43 -2.47 32.78 -2.79
C LEU C 43 -3.31 32.11 -3.87
N GLN C 44 -2.66 31.31 -4.70
CA GLN C 44 -3.30 30.64 -5.82
C GLN C 44 -2.82 29.20 -5.84
N PRO C 45 -3.56 28.31 -6.50
CA PRO C 45 -3.19 26.90 -6.48
C PRO C 45 -1.92 26.55 -7.26
N GLY C 46 -1.48 27.38 -8.20
CA GLY C 46 -0.23 27.05 -8.85
C GLY C 46 1.01 27.43 -8.08
N ASP C 47 0.84 28.12 -6.95
CA ASP C 47 1.95 28.77 -6.26
C ASP C 47 2.85 27.73 -5.61
N LYS C 48 4.14 27.78 -5.95
CA LYS C 48 5.15 26.98 -5.27
C LYS C 48 5.62 27.75 -4.04
N ILE C 49 5.55 27.12 -2.88
CA ILE C 49 5.98 27.76 -1.64
C ILE C 49 7.49 27.58 -1.53
N LEU C 50 8.22 28.70 -1.58
CA LEU C 50 9.66 28.72 -1.43
C LEU C 50 10.08 28.80 0.03
N GLN C 51 9.38 29.59 0.83
CA GLN C 51 9.70 29.75 2.23
C GLN C 51 8.43 29.90 3.04
N VAL C 52 8.51 29.44 4.30
CA VAL C 52 7.46 29.60 5.29
C VAL C 52 8.14 30.19 6.51
N ASN C 53 7.95 31.48 6.74
CA ASN C 53 8.63 32.19 7.83
C ASN C 53 10.13 31.97 7.74
N SER C 54 10.66 32.11 6.52
CA SER C 54 12.08 31.99 6.22
C SER C 54 12.50 30.53 6.07
N ALA C 55 11.81 29.61 6.75
CA ALA C 55 12.08 28.19 6.60
C ALA C 55 11.98 27.80 5.13
N ASP C 56 13.08 27.28 4.58
CA ASP C 56 13.15 27.00 3.15
C ASP C 56 12.50 25.66 2.83
N LEU C 57 11.58 25.67 1.87
CA LEU C 57 10.86 24.46 1.46
C LEU C 57 11.32 23.93 0.11
N SER C 58 12.41 24.47 -0.43
CA SER C 58 12.91 23.98 -1.71
C SER C 58 13.24 22.49 -1.65
N GLU C 59 14.08 22.10 -0.70
CA GLU C 59 14.56 20.72 -0.59
C GLU C 59 13.63 19.84 0.23
N ALA C 60 12.41 20.30 0.52
CA ALA C 60 11.53 19.59 1.44
C ALA C 60 10.68 18.55 0.72
N SER C 61 10.40 17.45 1.44
CA SER C 61 9.41 16.47 1.03
C SER C 61 8.01 16.95 1.42
N HIS C 62 6.99 16.27 0.89
CA HIS C 62 5.62 16.66 1.21
C HIS C 62 5.38 16.68 2.71
N ASP C 63 5.68 15.57 3.39
CA ASP C 63 5.32 15.46 4.80
C ASP C 63 6.07 16.49 5.64
N GLU C 64 7.34 16.70 5.33
CA GLU C 64 8.12 17.72 6.05
C GLU C 64 7.45 19.09 5.94
N ALA C 65 7.07 19.49 4.73
CA ALA C 65 6.47 20.81 4.54
C ALA C 65 5.13 20.90 5.27
N VAL C 66 4.32 19.84 5.24
CA VAL C 66 3.05 19.85 5.94
C VAL C 66 3.26 20.15 7.42
N GLU C 67 4.23 19.47 8.03
CA GLU C 67 4.50 19.70 9.44
C GLU C 67 5.01 21.11 9.66
N ILE C 68 5.88 21.59 8.78
CA ILE C 68 6.40 22.94 8.93
C ILE C 68 5.26 23.94 8.82
N ILE C 69 4.47 23.85 7.76
CA ILE C 69 3.40 24.81 7.57
C ILE C 69 2.41 24.72 8.74
N LYS C 70 2.16 23.51 9.23
CA LYS C 70 1.18 23.35 10.30
C LYS C 70 1.66 23.98 11.60
N LYS C 71 2.98 24.02 11.81
CA LYS C 71 3.56 24.57 13.03
C LYS C 71 3.95 26.04 12.94
N ALA C 72 3.89 26.64 11.76
CA ALA C 72 4.28 28.04 11.63
C ALA C 72 3.47 28.92 12.59
N LYS C 73 4.10 30.02 13.00
CA LYS C 73 3.60 30.86 14.07
C LYS C 73 2.99 32.16 13.53
N SER C 74 1.91 32.60 14.19
CA SER C 74 1.46 33.99 14.16
C SER C 74 1.20 34.50 12.76
N PRO C 75 1.73 35.69 12.35
CA PRO C 75 1.59 36.08 10.94
C PRO C 75 2.52 35.27 10.06
N VAL C 76 1.98 34.19 9.49
CA VAL C 76 2.80 33.30 8.67
C VAL C 76 3.15 34.03 7.38
N ASN C 77 4.44 34.27 7.16
CA ASN C 77 4.92 34.92 5.94
C ASN C 77 5.32 33.84 4.95
N LEU C 78 4.69 33.85 3.79
CA LEU C 78 4.96 32.89 2.74
C LEU C 78 5.66 33.63 1.61
N ALA C 79 6.79 33.09 1.17
CA ALA C 79 7.41 33.49 -0.08
C ALA C 79 7.00 32.42 -1.08
N VAL C 80 6.22 32.81 -2.09
CA VAL C 80 5.73 31.86 -3.08
C VAL C 80 6.10 32.38 -4.46
N VAL C 81 5.98 31.49 -5.45
CA VAL C 81 6.20 31.86 -6.84
C VAL C 81 5.31 30.99 -7.70
N HIS C 82 4.49 31.62 -8.54
CA HIS C 82 3.53 30.87 -9.32
C HIS C 82 4.28 29.98 -10.30
N ASP C 83 4.03 28.68 -10.21
CA ASP C 83 4.63 27.71 -11.12
C ASP C 83 3.56 26.72 -11.56
N PRO C 84 2.81 27.06 -12.62
CA PRO C 84 1.78 26.11 -13.09
C PRO C 84 2.38 24.84 -13.64
N GLU C 85 3.46 24.95 -14.42
CA GLU C 85 4.21 23.76 -14.77
C GLU C 85 4.82 23.21 -13.48
N GLY C 86 5.29 21.98 -13.54
CA GLY C 86 5.84 21.39 -12.32
C GLY C 86 4.72 21.10 -11.33
N PHE C 87 3.77 22.02 -11.17
CA PHE C 87 2.54 21.68 -10.47
C PHE C 87 1.74 20.65 -11.24
N GLY C 88 1.67 20.83 -12.57
CA GLY C 88 1.01 19.85 -13.41
C GLY C 88 1.83 18.58 -13.56
N ARG C 89 3.15 18.68 -13.40
CA ARG C 89 4.00 17.50 -13.44
C ARG C 89 3.86 16.67 -12.17
N LEU C 90 3.83 17.32 -11.00
CA LEU C 90 3.70 16.62 -9.74
C LEU C 90 2.40 15.82 -9.65
N LYS C 91 1.39 16.20 -10.42
CA LYS C 91 0.15 15.42 -10.45
C LYS C 91 0.31 14.07 -11.12
N SER C 92 1.49 13.76 -11.64
CA SER C 92 1.76 12.45 -12.20
C SER C 92 2.69 11.66 -11.28
N SER D 1 -15.94 -4.35 14.78
CA SER D 1 -15.62 -3.92 13.42
C SER D 1 -14.21 -3.32 13.31
N ARG D 2 -13.47 -3.69 12.26
CA ARG D 2 -12.08 -3.29 12.07
C ARG D 2 -11.87 -2.70 10.69
N ARG D 3 -10.92 -1.76 10.59
CA ARG D 3 -10.59 -1.09 9.34
C ARG D 3 -9.24 -1.59 8.83
N ILE D 4 -9.19 -1.95 7.55
CA ILE D 4 -8.00 -2.48 6.91
C ILE D 4 -7.87 -1.82 5.55
N THR D 5 -6.75 -1.12 5.33
CA THR D 5 -6.49 -0.43 4.07
C THR D 5 -5.43 -1.21 3.29
N LEU D 6 -5.79 -1.63 2.08
CA LEU D 6 -4.91 -2.35 1.18
C LEU D 6 -4.79 -1.58 -0.13
N ASN D 7 -3.60 -1.60 -0.73
CA ASN D 7 -3.36 -0.96 -2.01
C ASN D 7 -3.31 -2.05 -3.07
N ARG D 8 -4.09 -1.88 -4.13
CA ARG D 8 -4.16 -2.90 -5.17
C ARG D 8 -2.84 -3.00 -5.90
N ARG D 9 -2.40 -4.23 -6.15
CA ARG D 9 -1.28 -4.55 -7.02
C ARG D 9 -1.77 -5.18 -8.31
N PRO D 10 -0.91 -5.28 -9.33
CA PRO D 10 -1.30 -5.96 -10.57
C PRO D 10 -1.82 -7.37 -10.33
N SER D 11 -1.35 -8.04 -9.27
CA SER D 11 -1.83 -9.36 -8.89
C SER D 11 -3.11 -9.31 -8.07
N GLY D 12 -3.77 -8.15 -8.00
CA GLY D 12 -4.99 -8.00 -7.24
C GLY D 12 -4.72 -7.47 -5.84
N LEU D 13 -5.67 -7.73 -4.93
CA LEU D 13 -5.55 -7.34 -3.54
C LEU D 13 -4.95 -8.42 -2.64
N GLY D 14 -4.78 -9.64 -3.16
CA GLY D 14 -4.16 -10.70 -2.41
C GLY D 14 -5.11 -11.57 -1.62
N PHE D 15 -6.37 -11.66 -2.02
CA PHE D 15 -7.32 -12.52 -1.33
C PHE D 15 -8.50 -12.83 -2.23
N ASN D 16 -9.14 -13.96 -1.97
CA ASN D 16 -10.38 -14.38 -2.61
C ASN D 16 -11.51 -14.39 -1.58
N ILE D 17 -12.73 -14.17 -2.04
CA ILE D 17 -13.90 -14.16 -1.17
C ILE D 17 -14.86 -15.26 -1.61
N VAL D 18 -15.81 -15.56 -0.72
CA VAL D 18 -16.93 -16.44 -1.01
C VAL D 18 -18.15 -15.86 -0.34
N GLY D 19 -19.29 -15.95 -1.02
CA GLY D 19 -20.55 -15.46 -0.50
C GLY D 19 -21.67 -16.39 -0.92
N GLY D 20 -22.88 -15.99 -0.54
CA GLY D 20 -24.05 -16.76 -0.91
C GLY D 20 -25.03 -15.94 -1.73
N ASP D 21 -26.30 -16.03 -1.35
CA ASP D 21 -27.33 -15.19 -1.90
C ASP D 21 -27.28 -13.82 -1.21
N ASN D 22 -28.21 -12.95 -1.55
CA ASN D 22 -28.19 -11.62 -0.96
C ASN D 22 -28.43 -11.71 0.55
N ALA D 23 -27.67 -10.93 1.31
CA ALA D 23 -27.74 -10.80 2.76
C ALA D 23 -27.09 -11.98 3.47
N GLN D 24 -26.49 -12.93 2.76
CA GLN D 24 -25.83 -14.05 3.42
C GLN D 24 -24.46 -13.70 3.95
N GLY D 25 -23.84 -12.66 3.44
CA GLY D 25 -22.53 -12.25 3.93
C GLY D 25 -21.44 -12.54 2.92
N ILE D 26 -20.45 -11.66 2.89
CA ILE D 26 -19.27 -11.81 2.03
C ILE D 26 -18.08 -12.05 2.94
N TYR D 27 -17.41 -13.18 2.74
CA TYR D 27 -16.31 -13.62 3.59
C TYR D 27 -15.03 -13.75 2.78
N VAL D 28 -13.92 -13.31 3.37
CA VAL D 28 -12.61 -13.58 2.80
C VAL D 28 -12.36 -15.07 2.91
N SER D 29 -12.19 -15.75 1.77
CA SER D 29 -12.04 -17.21 1.78
C SER D 29 -10.60 -17.68 1.71
N PHE D 30 -9.66 -16.84 1.29
CA PHE D 30 -8.30 -17.26 1.03
C PHE D 30 -7.41 -16.03 0.93
N ILE D 31 -6.18 -16.14 1.39
CA ILE D 31 -5.24 -15.03 1.39
C ILE D 31 -3.95 -15.50 0.76
N SER D 32 -3.69 -15.04 -0.47
CA SER D 32 -2.48 -15.43 -1.19
C SER D 32 -1.24 -14.98 -0.42
N TYR D 33 -0.27 -15.90 -0.27
CA TYR D 33 1.00 -15.51 0.30
C TYR D 33 1.68 -14.49 -0.61
N GLY D 34 2.31 -13.49 0.02
CA GLY D 34 3.04 -12.48 -0.70
C GLY D 34 2.21 -11.38 -1.32
N GLY D 35 0.90 -11.42 -1.14
CA GLY D 35 0.03 -10.40 -1.67
C GLY D 35 -0.21 -9.27 -0.69
N PRO D 36 -0.92 -8.23 -1.12
CA PRO D 36 -1.19 -7.11 -0.21
C PRO D 36 -1.91 -7.50 1.07
N ALA D 37 -2.88 -8.42 1.00
CA ALA D 37 -3.60 -8.82 2.20
C ALA D 37 -2.68 -9.53 3.19
N GLU D 38 -1.82 -10.44 2.70
CA GLU D 38 -0.92 -11.18 3.58
C GLU D 38 0.18 -10.28 4.12
N GLU D 39 0.82 -9.50 3.25
CA GLU D 39 1.87 -8.59 3.69
C GLU D 39 1.34 -7.53 4.65
N ASP D 40 0.03 -7.22 4.56
CA ASP D 40 -0.58 -6.28 5.49
C ASP D 40 -0.79 -6.91 6.85
N GLY D 41 -1.14 -8.19 6.89
CA GLY D 41 -1.20 -8.94 8.13
C GLY D 41 -2.53 -8.93 8.85
N ARG D 42 -3.48 -8.10 8.46
CA ARG D 42 -4.70 -7.92 9.23
C ARG D 42 -5.86 -8.77 8.72
N LEU D 43 -6.03 -8.88 7.41
CA LEU D 43 -7.16 -9.64 6.87
C LEU D 43 -6.99 -11.12 7.17
N GLN D 44 -8.09 -11.78 7.49
CA GLN D 44 -8.10 -13.19 7.87
C GLN D 44 -9.24 -13.88 7.15
N PRO D 45 -9.20 -15.21 7.05
CA PRO D 45 -10.23 -15.91 6.28
C PRO D 45 -11.61 -15.92 6.93
N GLY D 46 -11.72 -15.67 8.24
CA GLY D 46 -13.05 -15.59 8.81
C GLY D 46 -13.72 -14.24 8.63
N ASP D 47 -13.01 -13.25 8.09
CA ASP D 47 -13.46 -11.87 8.12
C ASP D 47 -14.64 -11.67 7.17
N LYS D 48 -15.77 -11.21 7.72
CA LYS D 48 -16.91 -10.79 6.91
C LYS D 48 -16.71 -9.35 6.47
N ILE D 49 -16.78 -9.13 5.17
CA ILE D 49 -16.60 -7.79 4.61
C ILE D 49 -17.93 -7.06 4.73
N LEU D 50 -17.94 -5.99 5.54
CA LEU D 50 -19.09 -5.12 5.70
C LEU D 50 -19.12 -4.00 4.68
N GLN D 51 -17.96 -3.42 4.37
CA GLN D 51 -17.88 -2.32 3.43
C GLN D 51 -16.60 -2.40 2.62
N VAL D 52 -16.70 -1.93 1.38
CA VAL D 52 -15.56 -1.80 0.46
C VAL D 52 -15.60 -0.37 -0.07
N ASN D 53 -14.71 0.49 0.43
CA ASN D 53 -14.71 1.90 0.07
C ASN D 53 -16.09 2.51 0.31
N SER D 54 -16.66 2.20 1.48
CA SER D 54 -17.96 2.70 1.91
C SER D 54 -19.11 1.89 1.32
N ALA D 55 -18.90 1.30 0.13
CA ALA D 55 -19.91 0.44 -0.49
C ALA D 55 -20.31 -0.68 0.45
N ASP D 56 -21.60 -0.74 0.79
CA ASP D 56 -22.08 -1.70 1.76
C ASP D 56 -22.27 -3.06 1.09
N LEU D 57 -21.66 -4.09 1.68
CA LEU D 57 -21.75 -5.45 1.15
C LEU D 57 -22.68 -6.32 1.99
N SER D 58 -23.40 -5.71 2.93
CA SER D 58 -24.32 -6.48 3.77
C SER D 58 -25.34 -7.23 2.92
N GLU D 59 -26.04 -6.50 2.04
CA GLU D 59 -27.12 -7.06 1.24
C GLU D 59 -26.63 -7.65 -0.08
N ALA D 60 -25.32 -7.83 -0.26
CA ALA D 60 -24.76 -8.20 -1.55
C ALA D 60 -24.73 -9.71 -1.75
N SER D 61 -24.94 -10.11 -3.01
CA SER D 61 -24.71 -11.49 -3.43
C SER D 61 -23.22 -11.70 -3.71
N HIS D 62 -22.84 -12.98 -3.86
CA HIS D 62 -21.44 -13.28 -4.11
C HIS D 62 -20.94 -12.52 -5.34
N ASP D 63 -21.64 -12.67 -6.47
CA ASP D 63 -21.15 -12.11 -7.71
C ASP D 63 -21.11 -10.58 -7.66
N GLU D 64 -22.12 -9.96 -7.04
CA GLU D 64 -22.09 -8.51 -6.88
C GLU D 64 -20.83 -8.08 -6.13
N ALA D 65 -20.55 -8.72 -5.00
CA ALA D 65 -19.40 -8.34 -4.19
C ALA D 65 -18.11 -8.54 -4.96
N VAL D 66 -18.00 -9.63 -5.73
CA VAL D 66 -16.80 -9.87 -6.52
C VAL D 66 -16.55 -8.71 -7.48
N GLU D 67 -17.60 -8.26 -8.16
CA GLU D 67 -17.44 -7.15 -9.09
C GLU D 67 -17.08 -5.86 -8.35
N ILE D 68 -17.70 -5.63 -7.20
CA ILE D 68 -17.41 -4.43 -6.43
C ILE D 68 -15.95 -4.44 -6.00
N ILE D 69 -15.52 -5.52 -5.35
CA ILE D 69 -14.15 -5.57 -4.87
C ILE D 69 -13.18 -5.45 -6.03
N LYS D 70 -13.52 -6.07 -7.17
CA LYS D 70 -12.63 -6.04 -8.32
C LYS D 70 -12.50 -4.64 -8.90
N LYS D 71 -13.55 -3.82 -8.79
CA LYS D 71 -13.56 -2.47 -9.33
C LYS D 71 -13.16 -1.40 -8.32
N ALA D 72 -13.01 -1.76 -7.04
CA ALA D 72 -12.65 -0.79 -6.01
C ALA D 72 -11.39 -0.01 -6.38
N LYS D 73 -11.18 1.16 -5.80
CA LYS D 73 -10.17 2.11 -6.25
C LYS D 73 -8.88 1.96 -5.43
N SER D 74 -7.75 1.93 -6.13
CA SER D 74 -6.38 1.82 -5.65
C SER D 74 -6.24 1.70 -4.13
N PRO D 75 -6.39 2.78 -3.33
CA PRO D 75 -6.35 2.59 -1.87
C PRO D 75 -7.68 2.06 -1.34
N VAL D 76 -7.84 0.74 -1.37
CA VAL D 76 -9.10 0.08 -1.00
C VAL D 76 -9.24 0.03 0.52
N ASN D 77 -10.29 0.69 1.04
CA ASN D 77 -10.60 0.67 2.47
C ASN D 77 -11.65 -0.41 2.74
N LEU D 78 -11.30 -1.37 3.60
CA LEU D 78 -12.19 -2.46 3.96
C LEU D 78 -12.64 -2.29 5.40
N ALA D 79 -13.95 -2.35 5.62
CA ALA D 79 -14.52 -2.51 6.95
C ALA D 79 -14.90 -3.98 7.07
N VAL D 80 -14.25 -4.70 7.97
CA VAL D 80 -14.50 -6.13 8.15
C VAL D 80 -14.82 -6.40 9.62
N VAL D 81 -15.35 -7.59 9.86
CA VAL D 81 -15.62 -8.08 11.22
C VAL D 81 -15.47 -9.59 11.20
N HIS D 82 -14.64 -10.11 12.08
CA HIS D 82 -14.37 -11.55 12.07
C HIS D 82 -15.64 -12.29 12.47
N ASP D 83 -16.12 -13.17 11.59
CA ASP D 83 -17.29 -14.00 11.86
C ASP D 83 -16.98 -15.43 11.42
N PRO D 84 -16.35 -16.21 12.30
CA PRO D 84 -16.05 -17.61 11.92
C PRO D 84 -17.29 -18.47 11.84
N GLU D 85 -18.24 -18.28 12.74
CA GLU D 85 -19.45 -19.09 12.72
C GLU D 85 -20.22 -18.87 11.43
N GLY D 86 -20.36 -17.61 11.01
CA GLY D 86 -21.07 -17.34 9.77
C GLY D 86 -20.31 -17.85 8.56
N PHE D 87 -18.98 -17.74 8.59
CA PHE D 87 -18.15 -18.31 7.54
C PHE D 87 -18.30 -19.81 7.45
N GLY D 88 -18.32 -20.49 8.60
CA GLY D 88 -18.46 -21.94 8.60
C GLY D 88 -19.83 -22.43 8.21
N ARG D 89 -20.87 -21.63 8.47
CA ARG D 89 -22.22 -21.99 8.05
C ARG D 89 -22.38 -21.82 6.54
N LEU D 90 -21.82 -20.75 5.99
CA LEU D 90 -21.86 -20.56 4.54
C LEU D 90 -21.19 -21.75 3.83
N LYS D 91 -20.34 -22.49 4.54
CA LYS D 91 -19.71 -23.72 4.04
C LYS D 91 -18.57 -23.36 3.09
#